data_3LJL
#
_entry.id   3LJL
#
_cell.length_a   89.792
_cell.length_b   89.792
_cell.length_c   125.028
_cell.angle_alpha   90.00
_cell.angle_beta   90.00
_cell.angle_gamma   120.00
#
_symmetry.space_group_name_H-M   'P 32 2 1'
#
loop_
_entity.id
_entity.type
_entity.pdbx_description
1 polymer 'transcriptional regulator LuxT'
2 non-polymer '2-(N-MORPHOLINO)-ETHANESULFONIC ACID'
#
_entity_poly.entity_id   1
_entity_poly.type   'polypeptide(L)'
_entity_poly.pdbx_seq_one_letter_code
;SNA(MSE)PKRSKEDTEITIQKI(MSE)DAVVDQLLRLGYDK(MSE)SYTTLSQQTGVSRTGISHHFPKKTDFTAALDGR
IFK(MSE)FIEHLEFEKGLDAFSQSWIKALEDSEFLAILRLLFHHIVTSESAHEFAANGIDRLYK(MSE)VESQFGSGGD
KELEWLIGRSLIQ(MSE)SK
;
_entity_poly.pdbx_strand_id   A,B
#
# COMPACT_ATOMS: atom_id res chain seq x y z
N SER A 8 41.66 2.39 -3.86
CA SER A 8 41.02 3.33 -4.83
C SER A 8 39.66 2.82 -5.33
N LYS A 9 39.60 1.53 -5.63
CA LYS A 9 38.35 0.83 -5.95
C LYS A 9 37.72 0.32 -4.66
N GLU A 10 38.42 0.54 -3.55
CA GLU A 10 37.90 0.28 -2.21
C GLU A 10 37.12 1.50 -1.76
N ASP A 11 37.62 2.67 -2.13
CA ASP A 11 37.01 3.94 -1.76
C ASP A 11 35.73 4.21 -2.55
N THR A 12 35.51 3.42 -3.61
CA THR A 12 34.22 3.41 -4.30
C THR A 12 33.25 2.42 -3.61
N GLU A 13 33.80 1.49 -2.83
CA GLU A 13 32.97 0.61 -2.00
C GLU A 13 32.55 1.34 -0.73
N ILE A 14 33.51 1.75 0.10
CA ILE A 14 33.23 2.47 1.36
C ILE A 14 32.01 3.39 1.20
N THR A 15 31.94 4.03 0.05
CA THR A 15 30.91 5.05 -0.21
C THR A 15 29.53 4.50 -0.54
N ILE A 16 29.45 3.48 -1.41
CA ILE A 16 28.22 2.70 -1.58
C ILE A 16 27.67 2.26 -0.21
N GLN A 17 28.56 1.84 0.68
CA GLN A 17 28.14 1.44 2.02
C GLN A 17 27.71 2.60 2.90
N LYS A 18 28.31 3.78 2.71
CA LYS A 18 27.79 4.95 3.38
C LYS A 18 26.34 5.24 2.88
N ILE A 19 26.08 5.09 1.59
CA ILE A 19 24.70 5.31 1.14
C ILE A 19 23.71 4.22 1.53
N ASP A 21 23.76 2.25 4.11
CA ASP A 21 23.41 2.62 5.47
C ASP A 21 22.36 3.72 5.51
N ALA A 22 22.69 4.87 4.94
CA ALA A 22 21.79 6.00 4.96
C ALA A 22 20.44 5.53 4.51
N VAL A 23 20.41 4.79 3.41
CA VAL A 23 19.17 4.32 2.82
C VAL A 23 18.39 3.51 3.83
N VAL A 24 18.97 2.40 4.25
CA VAL A 24 18.37 1.50 5.23
C VAL A 24 17.72 2.28 6.38
N ASP A 25 18.43 3.31 6.91
CA ASP A 25 17.85 4.23 7.87
C ASP A 25 16.66 4.95 7.28
N GLN A 26 16.91 5.86 6.37
CA GLN A 26 15.91 6.77 5.88
C GLN A 26 14.70 6.04 5.38
N LEU A 27 14.92 4.81 4.95
CA LEU A 27 13.85 4.03 4.36
C LEU A 27 12.73 3.75 5.39
N LEU A 28 13.03 3.99 6.65
CA LEU A 28 12.11 3.63 7.71
C LEU A 28 11.86 4.81 8.64
N ARG A 29 12.78 5.77 8.65
CA ARG A 29 12.55 6.94 9.47
C ARG A 29 11.64 7.84 8.67
N LEU A 30 11.72 7.79 7.35
CA LEU A 30 10.91 8.67 6.50
C LEU A 30 10.03 7.96 5.47
N GLY A 31 10.19 6.66 5.33
CA GLY A 31 9.49 5.96 4.27
C GLY A 31 10.26 6.18 2.98
N TYR A 32 9.87 5.45 1.93
CA TYR A 32 10.50 5.49 0.64
C TYR A 32 10.23 6.82 -0.01
N ASP A 33 8.95 7.12 -0.08
CA ASP A 33 8.40 8.24 -0.83
C ASP A 33 9.13 9.51 -0.61
N LYS A 34 9.39 9.84 0.65
CA LYS A 34 9.89 11.15 1.02
C LYS A 34 11.39 11.21 0.92
N SER A 36 14.84 10.90 -0.83
CA SER A 36 15.14 11.55 -2.09
C SER A 36 16.61 11.56 -2.26
N TYR A 37 17.11 11.90 -3.45
CA TYR A 37 18.58 12.11 -3.59
C TYR A 37 19.08 13.14 -2.61
N THR A 38 18.40 14.28 -2.55
CA THR A 38 18.64 15.30 -1.53
C THR A 38 18.81 14.62 -0.18
N THR A 39 17.70 14.32 0.49
CA THR A 39 17.75 13.83 1.88
C THR A 39 18.93 12.88 2.14
N LEU A 40 19.11 11.91 1.26
CA LEU A 40 20.24 11.00 1.31
C LEU A 40 21.53 11.76 1.20
N SER A 41 21.60 12.73 0.30
CA SER A 41 22.84 13.47 0.08
C SER A 41 23.17 14.15 1.37
N GLN A 42 22.27 15.02 1.81
CA GLN A 42 22.27 15.67 3.09
C GLN A 42 22.76 14.80 4.23
N GLN A 43 22.14 13.64 4.41
CA GLN A 43 22.55 12.69 5.45
C GLN A 43 24.00 12.15 5.26
N THR A 44 24.57 12.29 4.08
CA THR A 44 25.79 11.53 3.78
C THR A 44 27.09 12.30 3.51
N GLY A 45 27.01 13.54 3.05
CA GLY A 45 28.19 14.25 2.56
C GLY A 45 28.61 13.73 1.19
N VAL A 46 27.68 13.08 0.51
CA VAL A 46 27.85 12.77 -0.92
C VAL A 46 26.83 13.56 -1.76
N SER A 47 27.33 14.11 -2.88
CA SER A 47 26.57 14.92 -3.82
C SER A 47 25.43 14.10 -4.41
N ARG A 48 24.40 14.78 -4.87
CA ARG A 48 23.26 14.08 -5.41
C ARG A 48 23.65 13.51 -6.77
N THR A 49 24.75 14.00 -7.32
CA THR A 49 25.27 13.43 -8.52
C THR A 49 26.11 12.21 -8.14
N GLY A 50 26.95 12.39 -7.13
CA GLY A 50 27.69 11.28 -6.55
C GLY A 50 26.83 10.09 -6.22
N ILE A 51 25.66 10.32 -5.62
CA ILE A 51 24.72 9.20 -5.35
C ILE A 51 24.12 8.60 -6.59
N SER A 52 23.31 9.39 -7.30
CA SER A 52 22.76 9.04 -8.62
C SER A 52 23.78 8.34 -9.54
N HIS A 53 25.07 8.66 -9.39
CA HIS A 53 26.10 7.89 -10.07
C HIS A 53 25.92 6.38 -9.86
N HIS A 54 25.91 5.95 -8.60
CA HIS A 54 25.86 4.53 -8.21
C HIS A 54 24.48 3.97 -8.34
N PHE A 55 23.53 4.83 -7.97
CA PHE A 55 22.11 4.52 -8.04
C PHE A 55 21.44 5.49 -8.98
N PRO A 56 21.40 5.13 -10.28
CA PRO A 56 20.76 5.96 -11.28
C PRO A 56 19.27 6.04 -11.04
N LYS A 57 18.64 5.01 -10.51
CA LYS A 57 17.21 5.07 -10.36
C LYS A 57 16.89 4.69 -8.94
N LYS A 58 15.84 5.30 -8.40
CA LYS A 58 15.53 5.17 -6.97
C LYS A 58 15.23 3.72 -6.66
N THR A 59 14.66 3.00 -7.61
CA THR A 59 14.36 1.60 -7.38
C THR A 59 15.62 0.76 -7.25
N ASP A 60 16.77 1.35 -7.60
CA ASP A 60 18.10 0.71 -7.42
C ASP A 60 18.48 0.62 -5.96
N PHE A 61 17.91 1.51 -5.16
CA PHE A 61 18.21 1.57 -3.76
C PHE A 61 17.59 0.41 -3.04
N THR A 62 16.39 0.05 -3.43
CA THR A 62 15.78 -1.11 -2.80
C THR A 62 16.36 -2.40 -3.39
N ALA A 63 16.58 -2.47 -4.69
CA ALA A 63 17.33 -3.61 -5.21
C ALA A 63 18.66 -3.90 -4.49
N ALA A 64 19.34 -2.83 -4.08
CA ALA A 64 20.66 -2.88 -3.44
C ALA A 64 20.79 -3.63 -2.09
N LEU A 65 19.77 -3.53 -1.25
CA LEU A 65 19.67 -4.17 0.08
C LEU A 65 19.91 -5.66 0.12
N ASP A 66 19.36 -6.36 -0.85
CA ASP A 66 19.56 -7.83 -1.06
C ASP A 66 19.29 -8.73 0.16
N GLY A 67 18.71 -8.15 1.21
CA GLY A 67 18.32 -8.94 2.35
C GLY A 67 18.49 -8.20 3.65
N ARG A 68 19.32 -7.15 3.66
CA ARG A 68 19.61 -6.42 4.90
C ARG A 68 18.38 -6.04 5.66
N ILE A 69 17.30 -5.73 4.96
CA ILE A 69 16.08 -5.42 5.68
C ILE A 69 15.44 -6.67 6.19
N PHE A 70 15.35 -7.69 5.37
CA PHE A 70 14.59 -8.87 5.78
C PHE A 70 15.12 -9.46 7.11
N LYS A 71 16.36 -9.14 7.45
CA LYS A 71 17.01 -9.72 8.65
C LYS A 71 16.72 -8.96 9.93
N PHE A 73 13.77 -7.49 9.93
CA PHE A 73 12.38 -7.83 9.97
C PHE A 73 12.10 -9.01 10.86
N ILE A 74 12.91 -10.05 10.69
CA ILE A 74 12.63 -11.34 11.29
C ILE A 74 13.08 -11.37 12.74
N GLU A 75 13.78 -10.33 13.18
CA GLU A 75 14.17 -10.27 14.56
C GLU A 75 12.92 -10.09 15.38
N HIS A 76 11.83 -9.70 14.71
CA HIS A 76 10.54 -9.42 15.37
C HIS A 76 9.62 -10.62 15.59
N LEU A 77 9.88 -11.72 14.88
CA LEU A 77 8.94 -12.85 14.84
C LEU A 77 9.36 -14.07 15.64
N GLU A 78 8.39 -14.84 16.17
CA GLU A 78 8.71 -16.06 16.95
C GLU A 78 8.62 -17.38 16.17
N PHE A 79 9.79 -17.89 15.77
CA PHE A 79 9.81 -19.06 14.90
C PHE A 79 9.89 -20.43 15.61
N GLU A 80 9.99 -20.36 16.94
CA GLU A 80 10.45 -21.47 17.73
C GLU A 80 9.41 -21.93 18.76
N LYS A 81 8.16 -21.48 18.63
CA LYS A 81 7.16 -21.78 19.65
C LYS A 81 5.81 -22.21 19.10
N GLY A 82 5.78 -22.73 17.87
CA GLY A 82 4.49 -23.14 17.29
C GLY A 82 3.94 -22.07 16.35
N LEU A 83 2.90 -22.42 15.57
CA LEU A 83 2.49 -21.53 14.50
C LEU A 83 1.73 -20.35 15.06
N ASP A 84 0.83 -20.60 16.00
CA ASP A 84 0.04 -19.55 16.61
C ASP A 84 0.95 -18.62 17.32
N ALA A 85 1.90 -19.15 18.07
CA ALA A 85 2.89 -18.28 18.70
C ALA A 85 3.54 -17.32 17.71
N PHE A 86 3.95 -17.84 16.58
CA PHE A 86 4.60 -17.01 15.58
C PHE A 86 3.67 -15.92 15.09
N SER A 87 2.41 -16.27 14.93
CA SER A 87 1.37 -15.38 14.43
C SER A 87 1.05 -14.27 15.43
N GLN A 88 1.00 -14.62 16.70
CA GLN A 88 0.80 -13.62 17.66
C GLN A 88 2.06 -12.81 17.78
N SER A 89 3.17 -13.32 17.30
CA SER A 89 4.34 -12.49 17.40
C SER A 89 4.15 -11.32 16.44
N TRP A 90 3.67 -11.65 15.25
CA TRP A 90 3.46 -10.70 14.17
C TRP A 90 2.46 -9.62 14.57
N ILE A 91 1.34 -10.00 15.17
CA ILE A 91 0.37 -9.01 15.63
C ILE A 91 1.00 -8.02 16.64
N LYS A 92 1.70 -8.52 17.66
CA LYS A 92 2.23 -7.63 18.69
C LYS A 92 3.26 -6.70 18.05
N ALA A 93 3.93 -7.23 17.03
CA ALA A 93 4.97 -6.52 16.29
C ALA A 93 4.49 -5.31 15.49
N LEU A 94 3.33 -5.42 14.87
CA LEU A 94 2.67 -4.29 14.26
C LEU A 94 2.61 -3.05 15.17
N GLU A 95 2.90 -3.18 16.45
CA GLU A 95 2.83 -2.02 17.31
C GLU A 95 4.18 -1.39 17.48
N ASP A 96 5.18 -2.10 16.97
CA ASP A 96 6.50 -1.53 16.81
C ASP A 96 6.53 -0.93 15.43
N SER A 97 7.04 0.29 15.30
CA SER A 97 6.96 1.05 14.04
C SER A 97 8.02 0.73 13.01
N GLU A 98 9.18 0.24 13.44
CA GLU A 98 10.16 -0.27 12.51
C GLU A 98 9.50 -1.43 11.80
N PHE A 99 8.78 -2.24 12.56
CA PHE A 99 8.19 -3.43 12.00
C PHE A 99 7.19 -3.00 10.97
N LEU A 100 6.30 -2.09 11.37
CA LEU A 100 5.29 -1.59 10.47
C LEU A 100 5.93 -0.91 9.28
N ALA A 101 6.97 -0.11 9.54
CA ALA A 101 7.72 0.57 8.46
C ALA A 101 8.21 -0.39 7.34
N ILE A 102 8.70 -1.55 7.74
CA ILE A 102 9.08 -2.56 6.77
C ILE A 102 7.91 -3.10 5.94
N LEU A 103 6.79 -3.37 6.58
CA LEU A 103 5.65 -3.78 5.80
C LEU A 103 5.12 -2.70 4.83
N ARG A 104 5.15 -1.45 5.27
CA ARG A 104 4.67 -0.35 4.47
C ARG A 104 5.48 -0.37 3.21
N LEU A 105 6.81 -0.31 3.39
CA LEU A 105 7.80 -0.31 2.30
C LEU A 105 7.46 -1.39 1.32
N LEU A 106 7.29 -2.61 1.80
CA LEU A 106 6.82 -3.67 0.94
C LEU A 106 5.47 -3.35 0.30
N PHE A 107 4.43 -3.18 1.08
CA PHE A 107 3.12 -3.05 0.49
C PHE A 107 3.11 -1.96 -0.58
N HIS A 108 3.97 -0.99 -0.33
CA HIS A 108 4.08 0.17 -1.17
C HIS A 108 4.66 -0.27 -2.51
N HIS A 109 5.59 -1.21 -2.49
CA HIS A 109 6.10 -1.72 -3.71
C HIS A 109 5.10 -2.56 -4.46
N ILE A 110 4.19 -3.19 -3.74
CA ILE A 110 3.15 -3.99 -4.36
C ILE A 110 2.18 -3.12 -5.13
N VAL A 111 2.04 -1.90 -4.68
CA VAL A 111 0.95 -1.08 -5.10
C VAL A 111 1.38 -0.20 -6.25
N THR A 112 2.67 0.15 -6.33
CA THR A 112 3.16 1.19 -7.24
C THR A 112 3.70 0.82 -8.64
N SER A 113 4.85 1.41 -9.03
CA SER A 113 5.37 1.38 -10.45
C SER A 113 5.82 -0.01 -11.00
N GLU A 114 5.92 -0.15 -12.32
CA GLU A 114 6.56 -1.36 -12.92
C GLU A 114 7.98 -1.56 -12.32
N SER A 115 8.78 -0.51 -12.35
CA SER A 115 10.15 -0.50 -11.80
C SER A 115 10.24 -0.99 -10.36
N ALA A 116 9.36 -0.48 -9.49
CA ALA A 116 9.40 -0.81 -8.09
C ALA A 116 8.92 -2.24 -7.80
N HIS A 117 8.52 -2.95 -8.86
CA HIS A 117 7.73 -4.18 -8.74
C HIS A 117 8.43 -5.50 -8.45
N GLU A 118 9.49 -5.83 -9.18
CA GLU A 118 10.17 -7.08 -8.91
C GLU A 118 10.69 -7.26 -7.48
N PHE A 119 11.00 -6.16 -6.78
CA PHE A 119 11.42 -6.20 -5.36
C PHE A 119 10.34 -6.75 -4.45
N ALA A 120 9.10 -6.48 -4.82
CA ALA A 120 7.96 -6.80 -3.97
C ALA A 120 7.38 -8.16 -4.28
N ALA A 121 7.13 -8.43 -5.56
CA ALA A 121 6.82 -9.80 -6.01
C ALA A 121 7.75 -10.80 -5.35
N ASN A 122 9.00 -10.38 -5.14
CA ASN A 122 10.11 -11.18 -4.65
C ASN A 122 10.18 -11.34 -3.14
N GLY A 123 9.91 -10.25 -2.45
CA GLY A 123 9.75 -10.28 -0.99
C GLY A 123 8.59 -11.14 -0.47
N ILE A 124 7.48 -11.17 -1.19
CA ILE A 124 6.39 -12.02 -0.75
C ILE A 124 6.76 -13.46 -0.88
N ASP A 125 7.34 -13.84 -2.02
CA ASP A 125 7.62 -15.24 -2.28
C ASP A 125 8.55 -15.65 -1.13
N ARG A 126 9.41 -14.71 -0.75
CA ARG A 126 10.30 -14.88 0.40
C ARG A 126 9.56 -15.09 1.71
N LEU A 127 8.55 -14.30 2.00
CA LEU A 127 7.74 -14.53 3.16
C LEU A 127 7.17 -15.92 3.05
N TYR A 128 6.50 -16.18 1.95
CA TYR A 128 5.87 -17.45 1.80
C TYR A 128 6.84 -18.56 2.06
N LYS A 129 7.96 -18.58 1.34
CA LYS A 129 8.96 -19.60 1.55
C LYS A 129 9.47 -19.64 3.00
N VAL A 131 7.70 -18.87 5.85
CA VAL A 131 6.66 -19.46 6.67
C VAL A 131 6.48 -20.96 6.47
N GLU A 132 6.63 -21.40 5.22
CA GLU A 132 6.37 -22.78 4.82
C GLU A 132 7.45 -23.68 5.36
N SER A 133 8.67 -23.16 5.39
CA SER A 133 9.84 -23.96 5.75
C SER A 133 9.91 -24.00 7.25
N GLN A 134 9.19 -23.11 7.90
CA GLN A 134 9.09 -23.19 9.33
C GLN A 134 7.93 -24.04 9.79
N PHE A 135 6.78 -23.93 9.12
CA PHE A 135 5.57 -24.50 9.65
C PHE A 135 4.78 -25.29 8.67
N GLY A 136 5.27 -25.42 7.44
CA GLY A 136 4.56 -26.15 6.39
C GLY A 136 3.47 -25.33 5.73
N SER A 137 2.65 -26.00 4.94
CA SER A 137 1.58 -25.32 4.18
C SER A 137 0.39 -24.85 5.05
N GLY A 138 0.24 -25.40 6.25
CA GLY A 138 -0.61 -24.71 7.24
C GLY A 138 -0.27 -23.22 7.31
N GLY A 139 1.03 -22.90 7.17
CA GLY A 139 1.60 -21.54 7.26
C GLY A 139 1.20 -20.59 6.14
N ASP A 140 0.96 -21.11 4.92
CA ASP A 140 0.52 -20.24 3.81
C ASP A 140 -0.60 -19.33 4.25
N LYS A 141 -1.74 -19.94 4.57
CA LYS A 141 -2.95 -19.18 4.97
C LYS A 141 -2.78 -18.25 6.18
N GLU A 142 -1.95 -18.62 7.13
CA GLU A 142 -1.67 -17.75 8.29
C GLU A 142 -0.99 -16.44 7.88
N LEU A 143 0.11 -16.54 7.16
CA LEU A 143 0.76 -15.43 6.44
C LEU A 143 -0.22 -14.50 5.65
N GLU A 144 -1.09 -15.11 4.85
CA GLU A 144 -2.08 -14.38 4.02
C GLU A 144 -2.99 -13.58 4.93
N TRP A 145 -3.44 -14.21 6.01
CA TRP A 145 -4.23 -13.52 6.95
C TRP A 145 -3.42 -12.45 7.61
N LEU A 146 -2.15 -12.72 7.91
CA LEU A 146 -1.34 -11.70 8.60
C LEU A 146 -1.12 -10.40 7.81
N ILE A 147 -0.84 -10.49 6.54
CA ILE A 147 -0.82 -9.32 5.67
C ILE A 147 -2.19 -8.65 5.67
N GLY A 148 -3.26 -9.42 5.60
CA GLY A 148 -4.55 -8.81 5.67
C GLY A 148 -4.55 -7.87 6.84
N ARG A 149 -4.35 -8.40 8.05
CA ARG A 149 -4.47 -7.57 9.23
C ARG A 149 -3.56 -6.41 9.12
N SER A 150 -2.33 -6.70 8.72
CA SER A 150 -1.25 -5.74 8.68
C SER A 150 -1.64 -4.50 7.93
N LEU A 151 -2.06 -4.68 6.69
CA LEU A 151 -2.56 -3.57 5.89
C LEU A 151 -3.77 -2.83 6.57
N ILE A 152 -4.75 -3.57 7.09
CA ILE A 152 -5.82 -2.88 7.80
C ILE A 152 -5.30 -2.02 8.95
N GLN A 153 -4.31 -2.55 9.66
CA GLN A 153 -3.61 -1.82 10.68
C GLN A 153 -3.00 -0.50 10.21
N SER A 155 -4.20 1.71 8.30
CA SER A 155 -5.18 2.78 8.23
C SER A 155 -5.51 3.24 9.65
N LYS A 156 -5.45 2.29 10.58
CA LYS A 156 -5.58 2.59 12.02
C LYS A 156 -4.56 3.67 12.40
N SER B 8 -24.63 33.21 -5.51
CA SER B 8 -23.32 33.06 -6.21
C SER B 8 -22.53 31.77 -5.81
N LYS B 9 -23.25 30.77 -5.28
CA LYS B 9 -22.67 29.47 -4.83
C LYS B 9 -23.11 28.23 -5.64
N GLU B 10 -24.16 28.39 -6.46
CA GLU B 10 -24.60 27.36 -7.40
C GLU B 10 -23.61 27.19 -8.57
N ASP B 11 -22.89 28.26 -8.92
CA ASP B 11 -21.96 28.28 -10.05
C ASP B 11 -20.70 27.48 -9.75
N THR B 12 -20.32 27.47 -8.46
CA THR B 12 -19.08 26.86 -7.99
C THR B 12 -19.25 25.35 -7.74
N GLU B 13 -20.37 24.96 -7.12
CA GLU B 13 -20.63 23.54 -6.81
C GLU B 13 -20.90 22.67 -8.05
N ILE B 14 -21.54 23.26 -9.07
CA ILE B 14 -21.71 22.62 -10.38
C ILE B 14 -20.37 22.28 -11.04
N THR B 15 -19.29 22.86 -10.51
CA THR B 15 -17.92 22.59 -11.03
C THR B 15 -17.14 21.64 -10.14
N ILE B 16 -17.12 21.90 -8.82
CA ILE B 16 -16.51 21.00 -7.83
C ILE B 16 -16.94 19.54 -8.11
N GLN B 17 -18.25 19.38 -8.28
CA GLN B 17 -18.90 18.14 -8.72
C GLN B 17 -18.27 17.51 -9.98
N LYS B 18 -18.05 18.35 -10.99
CA LYS B 18 -17.46 17.94 -12.27
C LYS B 18 -16.00 17.61 -12.10
N ILE B 19 -15.33 18.30 -11.16
CA ILE B 19 -13.94 18.00 -10.80
C ILE B 19 -13.86 16.61 -10.13
N ASP B 21 -16.23 14.09 -10.28
CA ASP B 21 -16.66 13.06 -11.24
C ASP B 21 -15.52 12.65 -12.14
N ALA B 22 -14.62 13.60 -12.36
CA ALA B 22 -13.35 13.30 -13.00
C ALA B 22 -12.37 12.68 -12.03
N VAL B 23 -12.28 13.19 -10.80
CA VAL B 23 -11.28 12.67 -9.86
C VAL B 23 -11.49 11.16 -9.79
N VAL B 24 -12.74 10.73 -9.53
CA VAL B 24 -13.17 9.30 -9.53
C VAL B 24 -12.79 8.52 -10.79
N ASP B 25 -12.86 9.15 -11.95
CA ASP B 25 -12.43 8.41 -13.13
C ASP B 25 -10.94 8.14 -13.18
N GLN B 26 -10.14 9.19 -12.98
CA GLN B 26 -8.68 9.12 -13.12
C GLN B 26 -8.09 8.26 -12.03
N LEU B 27 -8.64 8.40 -10.83
CA LEU B 27 -8.21 7.59 -9.70
C LEU B 27 -8.42 6.15 -10.00
N LEU B 28 -9.45 5.86 -10.80
CA LEU B 28 -9.75 4.49 -11.16
C LEU B 28 -8.95 3.90 -12.30
N ARG B 29 -8.60 4.69 -13.30
CA ARG B 29 -7.93 4.10 -14.43
C ARG B 29 -6.48 4.52 -14.56
N LEU B 30 -6.09 5.55 -13.81
CA LEU B 30 -4.69 6.01 -13.77
C LEU B 30 -4.12 5.82 -12.38
N GLY B 31 -4.99 5.89 -11.38
CA GLY B 31 -4.55 5.82 -10.00
C GLY B 31 -4.06 7.18 -9.56
N TYR B 32 -4.15 7.45 -8.27
CA TYR B 32 -3.74 8.71 -7.70
C TYR B 32 -2.36 9.08 -8.24
N ASP B 33 -1.45 8.11 -8.21
CA ASP B 33 -0.08 8.38 -8.54
C ASP B 33 0.07 9.06 -9.88
N LYS B 34 -0.50 8.45 -10.94
CA LYS B 34 -0.40 9.00 -12.30
C LYS B 34 -1.39 10.18 -12.57
N SER B 36 -2.63 13.60 -12.47
CA SER B 36 -2.04 14.94 -12.23
C SER B 36 -3.05 16.12 -12.39
N TYR B 37 -2.80 17.26 -11.74
CA TYR B 37 -3.62 18.49 -11.94
C TYR B 37 -3.81 18.83 -13.42
N THR B 38 -2.88 18.41 -14.28
CA THR B 38 -2.97 18.57 -15.74
C THR B 38 -3.98 17.63 -16.36
N THR B 39 -3.88 16.33 -16.04
CA THR B 39 -4.82 15.35 -16.57
C THR B 39 -6.27 15.68 -16.13
N LEU B 40 -6.39 16.23 -14.93
CA LEU B 40 -7.64 16.84 -14.51
C LEU B 40 -8.02 18.01 -15.42
N SER B 41 -7.15 19.00 -15.55
CA SER B 41 -7.43 20.15 -16.42
C SER B 41 -7.84 19.80 -17.86
N GLN B 42 -7.41 18.64 -18.38
CA GLN B 42 -7.83 18.21 -19.71
C GLN B 42 -9.20 17.59 -19.69
N GLN B 43 -9.40 16.60 -18.82
CA GLN B 43 -10.65 15.86 -18.76
C GLN B 43 -11.83 16.80 -18.50
N THR B 44 -11.69 17.63 -17.48
CA THR B 44 -12.57 18.76 -17.22
C THR B 44 -11.97 19.96 -17.94
N GLY B 45 -12.80 20.74 -18.62
CA GLY B 45 -12.28 21.91 -19.28
C GLY B 45 -11.87 23.03 -18.34
N VAL B 46 -11.46 22.68 -17.11
CA VAL B 46 -11.18 23.71 -16.07
C VAL B 46 -9.70 24.04 -16.00
N SER B 47 -9.37 25.32 -15.90
CA SER B 47 -7.98 25.69 -15.86
C SER B 47 -7.32 25.12 -14.59
N ARG B 48 -5.99 24.96 -14.65
CA ARG B 48 -5.18 24.42 -13.56
C ARG B 48 -5.40 25.17 -12.26
N THR B 49 -5.30 26.50 -12.34
CA THR B 49 -5.53 27.42 -11.20
C THR B 49 -7.01 27.43 -10.75
N GLY B 50 -7.90 26.98 -11.65
CA GLY B 50 -9.34 26.87 -11.39
C GLY B 50 -9.64 25.68 -10.52
N ILE B 51 -8.78 24.66 -10.61
CA ILE B 51 -8.85 23.47 -9.76
C ILE B 51 -8.01 23.64 -8.49
N SER B 52 -6.89 24.36 -8.61
CA SER B 52 -6.13 24.85 -7.45
C SER B 52 -7.03 25.50 -6.42
N HIS B 53 -7.96 26.32 -6.91
CA HIS B 53 -8.91 27.07 -6.09
C HIS B 53 -9.57 26.16 -5.07
N HIS B 54 -10.21 25.11 -5.58
CA HIS B 54 -11.05 24.22 -4.78
C HIS B 54 -10.26 23.13 -4.09
N PHE B 55 -9.11 22.80 -4.66
CA PHE B 55 -8.24 21.76 -4.15
C PHE B 55 -6.79 22.25 -4.13
N PRO B 56 -6.39 22.92 -3.01
CA PRO B 56 -5.06 23.55 -2.95
C PRO B 56 -3.90 22.54 -2.99
N LYS B 57 -4.06 21.39 -2.32
CA LYS B 57 -3.10 20.27 -2.33
C LYS B 57 -3.76 19.04 -3.00
N LYS B 58 -2.94 18.13 -3.55
CA LYS B 58 -3.43 16.88 -4.22
C LYS B 58 -4.18 15.85 -3.33
N THR B 59 -3.68 15.66 -2.12
CA THR B 59 -4.42 14.94 -1.09
C THR B 59 -5.83 15.49 -1.00
N ASP B 60 -5.99 16.79 -1.23
CA ASP B 60 -7.29 17.44 -1.13
C ASP B 60 -8.42 16.81 -1.99
N PHE B 61 -8.00 16.05 -3.01
CA PHE B 61 -8.91 15.27 -3.84
C PHE B 61 -9.49 14.11 -3.05
N THR B 62 -8.70 13.04 -2.96
CA THR B 62 -9.00 11.89 -2.12
C THR B 62 -9.75 12.26 -0.85
N ALA B 63 -9.50 13.46 -0.31
CA ALA B 63 -10.20 13.99 0.87
C ALA B 63 -11.69 14.12 0.66
N ALA B 64 -12.10 14.84 -0.36
CA ALA B 64 -13.50 15.14 -0.57
C ALA B 64 -14.28 13.95 -1.11
N LEU B 65 -13.55 12.92 -1.49
CA LEU B 65 -14.14 11.70 -2.02
C LEU B 65 -15.07 11.11 -1.02
N ASP B 66 -16.24 10.63 -1.45
CA ASP B 66 -17.28 10.18 -0.50
C ASP B 66 -17.72 8.74 -0.77
N GLY B 67 -19.04 8.50 -0.71
CA GLY B 67 -19.63 7.17 -0.86
C GLY B 67 -19.39 6.39 -2.16
N ARG B 68 -19.49 7.07 -3.30
CA ARG B 68 -19.63 6.39 -4.60
C ARG B 68 -18.73 5.19 -4.74
N ILE B 69 -17.48 5.33 -4.32
CA ILE B 69 -16.46 4.33 -4.62
C ILE B 69 -16.83 3.02 -3.94
N PHE B 70 -16.95 3.04 -2.61
CA PHE B 70 -17.22 1.81 -1.87
C PHE B 70 -18.63 1.27 -2.19
N LYS B 71 -19.50 2.15 -2.69
CA LYS B 71 -20.80 1.68 -3.08
C LYS B 71 -20.68 0.81 -4.32
N PHE B 73 -18.11 -0.76 -5.17
CA PHE B 73 -17.20 -1.83 -4.85
C PHE B 73 -17.98 -3.04 -4.43
N ILE B 74 -18.67 -2.89 -3.32
CA ILE B 74 -19.58 -3.88 -2.76
C ILE B 74 -20.66 -4.37 -3.75
N GLU B 75 -20.86 -3.65 -4.85
CA GLU B 75 -21.67 -4.15 -5.93
C GLU B 75 -21.24 -5.53 -6.31
N HIS B 76 -19.93 -5.75 -6.37
CA HIS B 76 -19.32 -6.94 -6.95
C HIS B 76 -19.44 -8.18 -6.09
N LEU B 77 -20.30 -8.20 -5.07
CA LEU B 77 -20.05 -9.05 -3.88
C LEU B 77 -21.27 -9.69 -3.16
N GLU B 78 -21.16 -10.96 -2.79
CA GLU B 78 -22.34 -11.69 -2.26
C GLU B 78 -22.61 -11.69 -0.76
N PHE B 79 -23.49 -10.80 -0.36
CA PHE B 79 -23.77 -10.69 1.07
C PHE B 79 -24.94 -11.51 1.58
N GLU B 80 -25.72 -12.07 0.66
CA GLU B 80 -26.97 -12.75 1.04
C GLU B 80 -26.96 -14.27 1.00
N LYS B 81 -25.78 -14.89 0.96
CA LYS B 81 -25.70 -16.36 0.86
C LYS B 81 -24.55 -16.97 1.66
N GLY B 82 -24.26 -16.39 2.81
CA GLY B 82 -23.36 -17.00 3.77
C GLY B 82 -21.93 -16.72 3.41
N LEU B 83 -21.02 -17.12 4.29
CA LEU B 83 -19.61 -16.70 4.27
C LEU B 83 -18.86 -17.18 3.06
N ASP B 84 -19.03 -18.47 2.71
CA ASP B 84 -18.32 -19.03 1.57
C ASP B 84 -18.73 -18.34 0.28
N ALA B 85 -20.03 -18.23 0.10
CA ALA B 85 -20.56 -17.69 -1.12
C ALA B 85 -19.89 -16.37 -1.37
N PHE B 86 -19.53 -15.71 -0.29
CA PHE B 86 -19.15 -14.31 -0.30
C PHE B 86 -17.68 -14.14 -0.63
N SER B 87 -16.85 -14.98 -0.04
CA SER B 87 -15.48 -15.08 -0.50
C SER B 87 -15.49 -15.61 -1.91
N GLN B 88 -15.99 -16.81 -2.17
CA GLN B 88 -16.07 -17.20 -3.57
C GLN B 88 -16.23 -15.92 -4.41
N SER B 89 -17.25 -15.13 -4.09
CA SER B 89 -17.62 -13.93 -4.84
C SER B 89 -16.52 -12.90 -4.95
N TRP B 90 -15.74 -12.75 -3.88
CA TRP B 90 -14.60 -11.82 -3.81
C TRP B 90 -13.35 -12.29 -4.58
N ILE B 91 -12.91 -13.51 -4.40
CA ILE B 91 -11.90 -14.05 -5.31
C ILE B 91 -12.33 -14.02 -6.79
N LYS B 92 -13.54 -14.49 -7.08
CA LYS B 92 -14.11 -14.35 -8.41
C LYS B 92 -13.89 -12.89 -8.83
N ALA B 93 -14.25 -11.99 -7.91
CA ALA B 93 -14.18 -10.56 -8.11
C ALA B 93 -12.79 -10.03 -8.37
N LEU B 94 -11.77 -10.75 -7.91
CA LEU B 94 -10.37 -10.35 -8.15
C LEU B 94 -9.91 -10.36 -9.62
N GLU B 95 -10.67 -10.99 -10.53
CA GLU B 95 -10.30 -10.92 -11.98
C GLU B 95 -11.08 -9.86 -12.73
N ASP B 96 -11.80 -9.02 -12.01
CA ASP B 96 -12.52 -7.91 -12.62
C ASP B 96 -11.69 -6.65 -12.43
N SER B 97 -11.40 -5.95 -13.52
CA SER B 97 -10.46 -4.83 -13.47
C SER B 97 -10.92 -3.66 -12.58
N GLU B 98 -12.17 -3.23 -12.76
CA GLU B 98 -12.77 -2.21 -11.89
C GLU B 98 -12.62 -2.60 -10.46
N PHE B 99 -12.84 -3.86 -10.15
CA PHE B 99 -12.73 -4.30 -8.77
C PHE B 99 -11.28 -4.14 -8.32
N LEU B 100 -10.39 -4.74 -9.09
CA LEU B 100 -8.97 -4.66 -8.83
C LEU B 100 -8.60 -3.23 -8.61
N ALA B 101 -8.85 -2.38 -9.61
CA ALA B 101 -8.60 -0.94 -9.52
C ALA B 101 -9.03 -0.41 -8.15
N ILE B 102 -10.31 -0.58 -7.80
CA ILE B 102 -10.84 -0.04 -6.54
C ILE B 102 -9.97 -0.42 -5.34
N LEU B 103 -9.52 -1.65 -5.31
CA LEU B 103 -8.62 -2.02 -4.26
C LEU B 103 -7.32 -1.26 -4.43
N ARG B 104 -6.62 -1.47 -5.54
CA ARG B 104 -5.34 -0.82 -5.76
C ARG B 104 -5.40 0.59 -5.15
N LEU B 105 -6.43 1.32 -5.55
CA LEU B 105 -6.73 2.66 -5.05
C LEU B 105 -6.58 2.86 -3.55
N LEU B 106 -7.34 2.10 -2.79
CA LEU B 106 -7.37 2.39 -1.41
C LEU B 106 -6.25 1.68 -0.73
N PHE B 107 -5.78 0.64 -1.37
CA PHE B 107 -4.55 0.05 -0.91
C PHE B 107 -3.43 1.09 -0.99
N HIS B 108 -3.27 1.71 -2.16
CA HIS B 108 -2.31 2.79 -2.30
C HIS B 108 -2.50 3.83 -1.23
N HIS B 109 -3.76 4.22 -1.02
CA HIS B 109 -4.08 5.36 -0.20
C HIS B 109 -3.71 5.07 1.22
N ILE B 110 -4.01 3.86 1.67
CA ILE B 110 -3.78 3.47 3.05
C ILE B 110 -2.32 3.41 3.36
N VAL B 111 -1.59 2.81 2.43
CA VAL B 111 -0.17 2.64 2.51
C VAL B 111 0.59 3.95 2.53
N THR B 112 0.25 4.85 1.61
CA THR B 112 0.99 6.11 1.53
C THR B 112 0.42 7.30 2.32
N SER B 113 -0.90 7.50 2.28
CA SER B 113 -1.48 8.66 2.94
C SER B 113 -1.32 8.63 4.45
N GLU B 114 -0.66 9.69 4.94
CA GLU B 114 -0.52 9.95 6.35
C GLU B 114 -1.94 10.04 6.98
N SER B 115 -2.77 10.94 6.46
CA SER B 115 -4.02 11.35 7.11
C SER B 115 -5.08 10.25 7.04
N ALA B 116 -4.85 9.25 6.18
CA ALA B 116 -5.80 8.14 5.91
C ALA B 116 -7.25 8.67 5.88
N HIS B 117 -7.58 9.35 4.78
CA HIS B 117 -8.84 10.08 4.56
C HIS B 117 -10.11 9.26 4.77
N GLU B 118 -11.21 9.97 5.07
CA GLU B 118 -12.39 9.28 5.48
C GLU B 118 -12.93 8.27 4.50
N PHE B 119 -12.97 8.62 3.21
CA PHE B 119 -13.51 7.67 2.18
C PHE B 119 -13.13 6.20 2.41
N ALA B 120 -11.98 5.98 3.04
CA ALA B 120 -11.36 4.67 3.24
C ALA B 120 -11.66 4.09 4.61
N ALA B 121 -11.61 4.94 5.65
CA ALA B 121 -11.95 4.57 7.03
C ALA B 121 -13.36 4.03 7.04
N ASN B 122 -14.30 4.82 6.52
CA ASN B 122 -15.68 4.36 6.35
C ASN B 122 -15.69 3.12 5.50
N GLY B 123 -15.09 3.23 4.33
CA GLY B 123 -14.91 2.10 3.46
C GLY B 123 -14.68 0.82 4.22
N ILE B 124 -13.55 0.74 4.92
CA ILE B 124 -13.20 -0.49 5.63
C ILE B 124 -14.21 -0.78 6.72
N ASP B 125 -14.44 0.22 7.59
CA ASP B 125 -15.36 0.01 8.66
C ASP B 125 -16.75 -0.44 8.23
N ARG B 126 -17.23 0.06 7.10
CA ARG B 126 -18.49 -0.39 6.56
C ARG B 126 -18.40 -1.87 6.28
N LEU B 127 -17.33 -2.30 5.64
CA LEU B 127 -17.26 -3.69 5.28
C LEU B 127 -17.20 -4.60 6.49
N TYR B 128 -16.59 -4.12 7.55
CA TYR B 128 -16.61 -4.92 8.72
C TYR B 128 -18.03 -5.00 9.21
N LYS B 129 -18.71 -3.86 9.34
CA LYS B 129 -20.06 -3.89 9.83
C LYS B 129 -20.85 -4.92 9.05
N VAL B 131 -19.99 -7.62 6.91
CA VAL B 131 -19.46 -8.95 7.15
C VAL B 131 -19.72 -9.53 8.53
N GLU B 132 -19.51 -8.70 9.56
CA GLU B 132 -19.82 -9.01 10.96
C GLU B 132 -21.29 -9.34 11.09
N SER B 133 -22.11 -8.46 10.55
CA SER B 133 -23.52 -8.59 10.61
C SER B 133 -24.03 -9.85 9.88
N GLN B 134 -23.65 -10.00 8.62
CA GLN B 134 -24.11 -11.11 7.78
C GLN B 134 -23.53 -12.44 8.18
N PHE B 135 -22.28 -12.42 8.60
CA PHE B 135 -21.49 -13.64 8.72
C PHE B 135 -20.99 -13.98 10.14
N GLY B 136 -21.65 -13.43 11.16
CA GLY B 136 -21.28 -13.65 12.55
C GLY B 136 -19.82 -13.40 12.85
N SER B 137 -19.26 -14.16 13.78
CA SER B 137 -17.93 -13.85 14.31
C SER B 137 -16.77 -14.33 13.48
N GLY B 138 -17.02 -15.02 12.38
CA GLY B 138 -15.92 -15.52 11.55
C GLY B 138 -15.54 -14.51 10.48
N GLY B 139 -16.39 -13.49 10.38
CA GLY B 139 -16.36 -12.49 9.33
C GLY B 139 -15.10 -11.66 9.34
N ASP B 140 -14.84 -10.94 10.43
CA ASP B 140 -13.70 -10.04 10.48
C ASP B 140 -12.46 -10.71 9.91
N LYS B 141 -12.17 -11.90 10.39
CA LYS B 141 -11.03 -12.62 9.86
C LYS B 141 -11.15 -12.97 8.40
N GLU B 142 -12.19 -13.71 7.99
CA GLU B 142 -12.34 -14.09 6.59
C GLU B 142 -12.08 -12.89 5.67
N LEU B 143 -12.81 -11.83 5.95
CA LEU B 143 -12.53 -10.56 5.31
C LEU B 143 -11.04 -10.19 5.33
N GLU B 144 -10.42 -10.15 6.51
CA GLU B 144 -8.99 -9.76 6.61
C GLU B 144 -8.12 -10.53 5.67
N TRP B 145 -8.18 -11.84 5.82
CA TRP B 145 -7.67 -12.78 4.83
C TRP B 145 -7.97 -12.44 3.32
N LEU B 146 -9.24 -12.26 2.98
CA LEU B 146 -9.51 -11.84 1.63
C LEU B 146 -8.53 -10.73 1.20
N ILE B 147 -8.50 -9.67 1.98
CA ILE B 147 -7.58 -8.56 1.83
C ILE B 147 -6.13 -9.01 1.66
N GLY B 148 -5.67 -9.88 2.55
CA GLY B 148 -4.36 -10.47 2.33
C GLY B 148 -4.23 -11.09 0.94
N ARG B 149 -5.18 -11.94 0.55
CA ARG B 149 -5.05 -12.72 -0.65
C ARG B 149 -5.00 -11.78 -1.83
N SER B 150 -5.63 -10.60 -1.69
CA SER B 150 -5.76 -9.67 -2.80
C SER B 150 -4.43 -9.00 -2.98
N LEU B 151 -3.97 -8.45 -1.88
CA LEU B 151 -2.71 -7.70 -1.83
C LEU B 151 -1.57 -8.56 -2.27
N ILE B 152 -1.66 -9.86 -2.04
CA ILE B 152 -0.67 -10.76 -2.54
C ILE B 152 -0.81 -10.82 -4.03
N GLN B 153 -2.02 -10.92 -4.49
CA GLN B 153 -2.17 -11.17 -5.88
C GLN B 153 -1.67 -9.99 -6.69
N SER B 155 0.94 -8.49 -6.04
CA SER B 155 2.37 -8.60 -5.93
C SER B 155 3.00 -9.27 -7.13
N LYS B 156 2.21 -9.51 -8.17
CA LYS B 156 2.58 -10.49 -9.17
C LYS B 156 3.73 -10.09 -10.10
#